data_1PZM
#
_entry.id   1PZM
#
_cell.length_a   58.104
_cell.length_b   85.443
_cell.length_c   87.598
_cell.angle_alpha   90.00
_cell.angle_beta   90.00
_cell.angle_gamma   90.00
#
_symmetry.space_group_name_H-M   'P 21 21 21'
#
loop_
_entity.id
_entity.type
_entity.pdbx_description
1 polymer 'hypoxanthine-guanine phosphoribosyltransferase'
2 non-polymer "GUANOSINE-5'-MONOPHOSPHATE"
3 water water
#
_entity_poly.entity_id   1
_entity_poly.type   'polypeptide(L)'
_entity_poly.pdbx_seq_one_letter_code
;MSNSVKSPSDHVGDVGRRNYPMSARTLVTQEQVWAATAKCAKKIAADYKDFHLTADNPLYLLCVLKGSFIFTADLARFLA
DEGVPVKVEFICASSYGSGVETSGQVRMLLDVRDSVENRHIMLVEDIVDSAITLQYLMRFMLAKKPASLKTVVLLDKPSG
RKVDVLVDYPVITIPRAFVIGYGMDFAESYRELRDICVLKKEYYEKAESKL
;
_entity_poly.pdbx_strand_id   A,B
#
loop_
_chem_comp.id
_chem_comp.type
_chem_comp.name
_chem_comp.formula
5GP non-polymer GUANOSINE-5'-MONOPHOSPHATE 'C10 H14 N5 O8 P'
#
# COMPACT_ATOMS: atom_id res chain seq x y z
N TYR A 20 -3.93 -21.73 4.43
CA TYR A 20 -4.85 -20.61 4.77
C TYR A 20 -6.24 -21.19 5.21
N PRO A 21 -6.54 -21.24 6.53
CA PRO A 21 -7.72 -21.98 7.06
C PRO A 21 -9.18 -21.63 6.58
N MET A 22 -9.45 -20.36 6.25
CA MET A 22 -10.75 -19.88 5.80
C MET A 22 -10.97 -20.07 4.28
N SER A 23 -9.92 -20.41 3.55
CA SER A 23 -10.02 -20.54 2.09
C SER A 23 -10.50 -21.89 1.56
N ALA A 24 -11.61 -21.90 0.82
CA ALA A 24 -12.06 -23.11 0.10
C ALA A 24 -11.01 -23.55 -0.92
N ARG A 25 -10.34 -22.57 -1.55
CA ARG A 25 -9.29 -22.88 -2.51
C ARG A 25 -8.50 -21.66 -2.93
N THR A 26 -7.24 -21.91 -3.23
CA THR A 26 -6.36 -20.91 -3.78
C THR A 26 -6.78 -20.72 -5.21
N LEU A 27 -7.06 -19.48 -5.59
CA LEU A 27 -7.49 -19.17 -6.93
C LEU A 27 -6.23 -18.78 -7.74
N VAL A 28 -5.37 -17.90 -7.17
CA VAL A 28 -4.17 -17.45 -7.87
C VAL A 28 -3.07 -17.31 -6.83
N THR A 29 -1.89 -17.92 -7.08
CA THR A 29 -0.84 -17.80 -6.13
C THR A 29 -0.18 -16.45 -6.34
N GLN A 30 0.48 -16.06 -5.27
CA GLN A 30 1.37 -14.90 -5.28
C GLN A 30 2.33 -14.85 -6.53
N GLU A 31 3.01 -15.97 -6.78
CA GLU A 31 3.94 -16.10 -7.91
C GLU A 31 3.21 -15.81 -9.24
N GLN A 32 2.01 -16.38 -9.39
CA GLN A 32 1.22 -16.23 -10.62
C GLN A 32 0.78 -14.76 -10.76
N VAL A 33 0.43 -14.12 -9.65
CA VAL A 33 -0.01 -12.70 -9.67
C VAL A 33 1.21 -11.86 -10.12
N TRP A 34 2.36 -12.15 -9.52
CA TRP A 34 3.55 -11.46 -9.92
C TRP A 34 3.97 -11.65 -11.39
N ALA A 35 3.95 -12.89 -11.89
CA ALA A 35 4.22 -13.11 -13.29
C ALA A 35 3.24 -12.36 -14.24
N ALA A 36 1.93 -12.35 -13.94
CA ALA A 36 0.96 -11.66 -14.83
C ALA A 36 1.17 -10.10 -14.72
N THR A 37 1.51 -9.64 -13.52
CA THR A 37 1.67 -8.21 -13.32
C THR A 37 2.93 -7.70 -14.00
N ALA A 38 4.02 -8.46 -13.93
CA ALA A 38 5.26 -8.15 -14.69
C ALA A 38 5.05 -7.99 -16.20
N LYS A 39 4.27 -8.92 -16.77
CA LYS A 39 3.92 -8.89 -18.22
C LYS A 39 3.07 -7.67 -18.50
N CYS A 40 2.12 -7.37 -17.59
CA CYS A 40 1.21 -6.24 -17.85
C CYS A 40 2.05 -4.94 -17.76
N ALA A 41 2.96 -4.87 -16.80
CA ALA A 41 3.87 -3.71 -16.69
C ALA A 41 4.70 -3.51 -18.02
N LYS A 42 5.15 -4.61 -18.66
CA LYS A 42 5.85 -4.44 -19.91
C LYS A 42 4.92 -3.88 -21.01
N LYS A 43 3.66 -4.30 -20.99
CA LYS A 43 2.67 -3.77 -21.92
C LYS A 43 2.49 -2.23 -21.70
N ILE A 44 2.22 -1.83 -20.46
CA ILE A 44 2.06 -0.40 -20.07
C ILE A 44 3.21 0.46 -20.60
N ALA A 45 4.42 -0.02 -20.38
CA ALA A 45 5.63 0.68 -20.78
C ALA A 45 5.60 0.86 -22.28
N ALA A 46 5.15 -0.17 -22.99
CA ALA A 46 5.24 -0.13 -24.45
C ALA A 46 4.17 0.83 -24.93
N ASP A 47 3.01 0.79 -24.26
CA ASP A 47 1.90 1.62 -24.64
C ASP A 47 2.19 3.08 -24.31
N TYR A 48 3.09 3.36 -23.38
CA TYR A 48 3.33 4.74 -23.00
C TYR A 48 4.62 5.34 -23.56
N LYS A 49 5.40 4.53 -24.26
CA LYS A 49 6.71 4.96 -24.81
C LYS A 49 6.66 6.27 -25.61
N ASP A 50 5.62 6.43 -26.44
CA ASP A 50 5.46 7.64 -27.24
C ASP A 50 5.02 8.87 -26.44
N PHE A 51 4.73 8.70 -25.15
CA PHE A 51 4.34 9.83 -24.30
C PHE A 51 5.50 10.58 -23.67
N HIS A 52 6.69 10.02 -23.81
CA HIS A 52 7.90 10.70 -23.34
C HIS A 52 7.92 10.98 -21.83
N LEU A 53 7.35 10.07 -21.03
CA LEU A 53 7.26 10.28 -19.59
C LEU A 53 8.61 10.49 -18.92
N THR A 54 8.66 11.48 -18.03
CA THR A 54 9.82 11.73 -17.17
C THR A 54 9.33 11.89 -15.71
N ALA A 55 10.24 12.18 -14.78
CA ALA A 55 9.86 12.52 -13.40
C ALA A 55 8.91 13.71 -13.32
N ASP A 56 9.02 14.69 -14.22
CA ASP A 56 8.09 15.84 -14.21
C ASP A 56 6.76 15.58 -14.89
N ASN A 57 6.71 14.51 -15.68
CA ASN A 57 5.52 14.13 -16.43
C ASN A 57 5.43 12.60 -16.39
N PRO A 58 5.14 12.07 -15.21
CA PRO A 58 5.19 10.62 -14.97
C PRO A 58 3.86 9.95 -15.20
N LEU A 59 3.77 8.62 -15.02
CA LEU A 59 2.48 7.93 -14.86
C LEU A 59 2.08 8.02 -13.42
N TYR A 60 0.92 8.64 -13.20
CA TYR A 60 0.34 8.71 -11.87
C TYR A 60 -0.47 7.47 -11.64
N LEU A 61 -0.09 6.71 -10.61
CA LEU A 61 -0.90 5.55 -10.22
C LEU A 61 -1.86 6.06 -9.13
N LEU A 62 -3.16 5.92 -9.40
CA LEU A 62 -4.22 6.32 -8.46
C LEU A 62 -4.74 5.07 -7.74
N CYS A 63 -4.22 4.87 -6.52
CA CYS A 63 -4.54 3.66 -5.76
C CYS A 63 -5.92 3.73 -5.08
N VAL A 64 -6.83 2.84 -5.44
CA VAL A 64 -8.17 2.87 -4.86
C VAL A 64 -8.15 2.10 -3.54
N LEU A 65 -8.09 2.82 -2.42
CA LEU A 65 -8.13 2.23 -1.10
C LEU A 65 -9.49 1.58 -0.74
N LYS A 66 -9.50 0.51 0.07
CA LYS A 66 -8.32 -0.07 0.77
C LYS A 66 -7.65 -1.11 -0.07
N GLY A 67 -8.48 -1.84 -0.81
CA GLY A 67 -8.09 -3.12 -1.37
C GLY A 67 -6.97 -3.11 -2.37
N SER A 68 -6.74 -1.99 -3.05
CA SER A 68 -5.73 -1.98 -4.10
C SER A 68 -4.34 -1.71 -3.55
N PHE A 69 -4.20 -1.50 -2.24
CA PHE A 69 -2.86 -1.14 -1.75
C PHE A 69 -1.73 -2.14 -2.00
N ILE A 70 -1.99 -3.44 -1.86
CA ILE A 70 -0.91 -4.38 -2.17
C ILE A 70 -0.54 -4.46 -3.65
N PHE A 71 -1.56 -4.53 -4.51
CA PHE A 71 -1.39 -4.55 -5.96
C PHE A 71 -0.63 -3.31 -6.40
N THR A 72 -1.01 -2.15 -5.85
CA THR A 72 -0.33 -0.90 -6.17
C THR A 72 1.21 -0.97 -5.79
N ALA A 73 1.51 -1.43 -4.58
CA ALA A 73 2.89 -1.54 -4.11
C ALA A 73 3.71 -2.40 -5.04
N ASP A 74 3.11 -3.51 -5.49
CA ASP A 74 3.86 -4.48 -6.33
C ASP A 74 3.90 -3.98 -7.81
N LEU A 75 2.77 -3.51 -8.33
CA LEU A 75 2.75 -2.96 -9.70
C LEU A 75 3.72 -1.80 -9.82
N ALA A 76 3.75 -0.89 -8.81
CA ALA A 76 4.75 0.20 -8.83
C ALA A 76 6.18 -0.31 -9.07
N ARG A 77 6.57 -1.37 -8.36
CA ARG A 77 7.91 -1.95 -8.51
C ARG A 77 8.18 -2.68 -9.86
N PHE A 78 7.20 -3.40 -10.39
CA PHE A 78 7.30 -3.89 -11.76
C PHE A 78 7.43 -2.80 -12.83
N LEU A 79 6.73 -1.69 -12.63
CA LEU A 79 6.88 -0.53 -13.52
C LEU A 79 8.31 0.09 -13.40
N ALA A 80 8.84 0.13 -12.18
CA ALA A 80 10.24 0.51 -12.00
C ALA A 80 11.16 -0.41 -12.81
N ASP A 81 10.92 -1.72 -12.78
CA ASP A 81 11.72 -2.67 -13.60
C ASP A 81 11.69 -2.33 -15.12
N GLU A 82 10.57 -1.73 -15.54
CA GLU A 82 10.41 -1.38 -16.95
C GLU A 82 10.83 0.08 -17.23
N GLY A 83 11.41 0.77 -16.23
CA GLY A 83 11.81 2.16 -16.39
C GLY A 83 10.68 3.19 -16.58
N VAL A 84 9.46 2.86 -16.16
CA VAL A 84 8.39 3.82 -16.25
C VAL A 84 8.41 4.68 -14.98
N PRO A 85 8.59 6.01 -15.09
CA PRO A 85 8.69 6.84 -13.90
C PRO A 85 7.29 6.96 -13.31
N VAL A 86 7.15 6.81 -11.99
CA VAL A 86 5.81 6.96 -11.40
C VAL A 86 5.70 7.90 -10.24
N LYS A 87 4.48 8.42 -10.05
CA LYS A 87 4.07 9.08 -8.77
C LYS A 87 2.79 8.39 -8.31
N VAL A 88 2.50 8.48 -7.02
CA VAL A 88 1.44 7.66 -6.44
C VAL A 88 0.49 8.58 -5.71
N GLU A 89 -0.80 8.33 -5.93
CA GLU A 89 -1.89 9.05 -5.23
C GLU A 89 -2.80 8.00 -4.63
N PHE A 90 -3.45 8.37 -3.56
CA PHE A 90 -4.35 7.48 -2.85
C PHE A 90 -5.78 8.07 -2.84
N ILE A 91 -6.73 7.29 -3.33
CA ILE A 91 -8.09 7.76 -3.32
C ILE A 91 -9.02 6.85 -2.50
N CYS A 92 -10.14 7.40 -2.08
CA CYS A 92 -11.08 6.71 -1.20
C CYS A 92 -12.52 7.26 -1.39
N ALA A 93 -13.39 6.43 -2.00
CA ALA A 93 -14.82 6.67 -2.24
C ALA A 93 -15.74 5.87 -1.29
N SER A 94 -15.42 4.57 -1.13
CA SER A 94 -16.25 3.65 -0.31
C SER A 94 -15.42 2.93 0.76
N MET A 108 -16.88 10.99 -2.74
CA MET A 108 -15.46 10.74 -2.46
C MET A 108 -15.19 10.88 -0.98
N LEU A 109 -13.98 10.54 -0.55
CA LEU A 109 -13.57 10.74 0.84
C LEU A 109 -12.10 11.16 0.93
N LEU A 110 -11.30 10.64 -0.01
CA LEU A 110 -9.89 11.03 -0.17
C LEU A 110 -9.61 11.23 -1.67
N ASP A 111 -9.32 12.48 -2.02
CA ASP A 111 -9.07 12.84 -3.39
C ASP A 111 -7.57 12.94 -3.56
N VAL A 112 -7.11 13.01 -4.82
CA VAL A 112 -5.71 13.32 -5.15
C VAL A 112 -5.18 14.58 -4.43
N ARG A 113 -3.91 14.53 -4.03
CA ARG A 113 -3.24 15.67 -3.41
C ARG A 113 -2.59 16.56 -4.49
N ASP A 114 -1.90 15.92 -5.45
CA ASP A 114 -1.32 16.57 -6.63
C ASP A 114 -2.46 16.92 -7.59
N SER A 115 -2.36 18.08 -8.26
CA SER A 115 -3.21 18.34 -9.44
C SER A 115 -2.87 17.31 -10.52
N VAL A 116 -3.88 16.75 -11.15
CA VAL A 116 -3.63 15.83 -12.23
C VAL A 116 -4.14 16.36 -13.57
N GLU A 117 -4.41 17.66 -13.62
CA GLU A 117 -4.72 18.33 -14.87
C GLU A 117 -3.52 18.26 -15.78
N ASN A 118 -3.75 17.89 -17.04
CA ASN A 118 -2.67 17.74 -17.99
C ASN A 118 -1.69 16.59 -17.66
N ARG A 119 -2.03 15.72 -16.71
CA ARG A 119 -1.17 14.58 -16.32
C ARG A 119 -1.69 13.24 -16.84
N HIS A 120 -0.79 12.26 -16.94
CA HIS A 120 -1.18 10.92 -17.38
C HIS A 120 -1.54 10.12 -16.14
N ILE A 121 -2.81 9.73 -16.04
CA ILE A 121 -3.23 9.04 -14.81
C ILE A 121 -3.80 7.65 -15.06
N MET A 122 -3.59 6.77 -14.08
CA MET A 122 -4.00 5.39 -14.17
C MET A 122 -4.67 4.97 -12.88
N LEU A 123 -5.95 4.61 -12.99
CA LEU A 123 -6.69 4.13 -11.82
C LEU A 123 -6.30 2.69 -11.59
N VAL A 124 -6.01 2.38 -10.32
CA VAL A 124 -5.48 1.07 -9.96
C VAL A 124 -6.50 0.40 -9.03
N GLU A 125 -7.06 -0.72 -9.48
CA GLU A 125 -8.12 -1.38 -8.73
C GLU A 125 -7.77 -2.83 -8.43
N ASP A 126 -8.24 -3.33 -7.30
CA ASP A 126 -8.01 -4.75 -7.02
C ASP A 126 -8.96 -5.66 -7.81
N ILE A 127 -10.24 -5.33 -7.81
CA ILE A 127 -11.24 -6.21 -8.41
C ILE A 127 -12.42 -5.37 -8.85
N VAL A 128 -12.92 -5.67 -10.04
CA VAL A 128 -14.08 -5.00 -10.59
C VAL A 128 -15.18 -6.00 -10.85
N ASP A 129 -16.37 -5.74 -10.32
CA ASP A 129 -17.45 -6.68 -10.44
C ASP A 129 -18.59 -6.02 -11.26
N SER A 130 -19.49 -5.24 -10.64
CA SER A 130 -20.54 -4.58 -11.44
C SER A 130 -19.96 -3.41 -12.23
N ALA A 131 -18.82 -2.90 -11.77
CA ALA A 131 -18.18 -1.71 -12.35
C ALA A 131 -18.88 -0.37 -11.98
N ILE A 132 -19.90 -0.40 -11.13
CA ILE A 132 -20.51 0.86 -10.73
C ILE A 132 -19.47 1.75 -10.05
N THR A 133 -18.67 1.17 -9.17
CA THR A 133 -17.65 1.93 -8.45
C THR A 133 -16.62 2.58 -9.39
N LEU A 134 -16.06 1.76 -10.26
CA LEU A 134 -15.08 2.22 -11.22
C LEU A 134 -15.67 3.30 -12.10
N GLN A 135 -16.92 3.11 -12.56
CA GLN A 135 -17.54 4.07 -13.47
C GLN A 135 -17.58 5.45 -12.81
N TYR A 136 -17.95 5.47 -11.53
CA TYR A 136 -18.04 6.73 -10.80
C TYR A 136 -16.64 7.37 -10.77
N LEU A 137 -15.65 6.56 -10.43
CA LEU A 137 -14.31 7.10 -10.21
C LEU A 137 -13.78 7.66 -11.52
N MET A 138 -14.05 6.95 -12.61
CA MET A 138 -13.62 7.35 -13.94
C MET A 138 -14.20 8.71 -14.30
N ARG A 139 -15.53 8.84 -14.22
CA ARG A 139 -16.22 10.09 -14.49
C ARG A 139 -15.63 11.20 -13.65
N PHE A 140 -15.40 10.89 -12.38
CA PHE A 140 -14.91 11.86 -11.47
C PHE A 140 -13.47 12.31 -11.80
N MET A 141 -12.59 11.40 -12.20
CA MET A 141 -11.21 11.79 -12.55
C MET A 141 -11.17 12.55 -13.89
N LEU A 142 -12.04 12.17 -14.83
CA LEU A 142 -12.17 12.80 -16.18
C LEU A 142 -12.42 14.31 -16.16
N ALA A 143 -13.25 14.75 -15.22
CA ALA A 143 -13.58 16.18 -15.05
C ALA A 143 -12.45 16.99 -14.40
N LYS A 144 -11.31 16.34 -14.08
CA LYS A 144 -10.07 17.03 -13.64
C LYS A 144 -9.14 17.36 -14.83
N LYS A 145 -9.62 17.01 -16.03
CA LYS A 145 -8.94 17.25 -17.30
C LYS A 145 -7.52 16.69 -17.37
N PRO A 146 -7.31 15.42 -17.06
CA PRO A 146 -5.98 14.82 -17.23
C PRO A 146 -5.57 14.67 -18.70
N ALA A 147 -4.28 14.59 -18.98
CA ALA A 147 -3.81 14.27 -20.33
C ALA A 147 -4.41 12.96 -20.85
N SER A 148 -4.35 11.87 -20.07
CA SER A 148 -5.06 10.63 -20.41
C SER A 148 -5.49 9.93 -19.13
N LEU A 149 -6.49 9.06 -19.26
CA LEU A 149 -6.95 8.25 -18.16
C LEU A 149 -7.00 6.79 -18.59
N LYS A 150 -6.36 5.92 -17.83
CA LYS A 150 -6.44 4.50 -18.13
C LYS A 150 -6.73 3.76 -16.81
N THR A 151 -7.22 2.51 -16.92
CA THR A 151 -7.51 1.71 -15.75
C THR A 151 -6.79 0.41 -15.80
N VAL A 152 -6.22 0.04 -14.66
CA VAL A 152 -5.64 -1.29 -14.53
C VAL A 152 -6.33 -2.01 -13.36
N VAL A 153 -6.69 -3.28 -13.56
CA VAL A 153 -7.46 -4.02 -12.55
C VAL A 153 -6.81 -5.40 -12.39
N LEU A 154 -6.58 -5.87 -11.17
CA LEU A 154 -5.91 -7.17 -11.05
C LEU A 154 -6.87 -8.28 -11.44
N LEU A 155 -8.08 -8.20 -10.87
CA LEU A 155 -9.08 -9.25 -11.06
C LEU A 155 -10.30 -8.64 -11.70
N ASP A 156 -10.60 -9.04 -12.91
CA ASP A 156 -11.82 -8.53 -13.57
C ASP A 156 -12.85 -9.62 -13.54
N LYS A 157 -14.07 -9.30 -13.09
CA LYS A 157 -15.21 -10.22 -13.17
C LYS A 157 -16.26 -9.69 -14.15
N PRO A 158 -15.98 -9.82 -15.46
CA PRO A 158 -16.88 -9.22 -16.47
C PRO A 158 -18.28 -9.83 -16.50
N SER A 159 -18.42 -11.04 -15.99
CA SER A 159 -19.79 -11.61 -16.01
C SER A 159 -20.66 -10.90 -14.97
N GLY A 160 -20.06 -10.10 -14.09
CA GLY A 160 -20.80 -9.32 -13.11
C GLY A 160 -21.31 -7.93 -13.53
N ARG A 161 -21.04 -7.50 -14.77
CA ARG A 161 -21.23 -6.10 -15.16
C ARG A 161 -22.67 -5.63 -15.01
N LYS A 162 -22.88 -4.46 -14.40
CA LYS A 162 -24.19 -3.79 -14.43
C LYS A 162 -24.12 -2.49 -15.22
N VAL A 163 -22.91 -2.02 -15.48
CA VAL A 163 -22.72 -0.90 -16.42
C VAL A 163 -21.53 -1.19 -17.36
N ASP A 164 -21.34 -0.33 -18.35
CA ASP A 164 -20.38 -0.56 -19.42
C ASP A 164 -19.16 0.35 -19.28
N VAL A 165 -18.02 -0.23 -18.91
CA VAL A 165 -16.78 0.57 -18.76
C VAL A 165 -15.57 0.00 -19.50
N LEU A 166 -14.72 0.94 -19.92
CA LEU A 166 -13.39 0.60 -20.46
C LEU A 166 -12.40 0.18 -19.37
N VAL A 167 -12.09 -1.13 -19.30
CA VAL A 167 -10.89 -1.59 -18.48
C VAL A 167 -9.70 -1.83 -19.39
N ASP A 168 -8.77 -0.89 -19.37
CA ASP A 168 -7.68 -0.95 -20.36
C ASP A 168 -6.74 -2.12 -20.06
N TYR A 169 -6.46 -2.36 -18.76
CA TYR A 169 -5.52 -3.45 -18.42
C TYR A 169 -6.10 -4.43 -17.38
N PRO A 170 -6.92 -5.38 -17.80
CA PRO A 170 -7.46 -6.34 -16.86
C PRO A 170 -6.43 -7.47 -16.80
N VAL A 171 -5.74 -7.59 -15.67
CA VAL A 171 -4.59 -8.50 -15.62
C VAL A 171 -5.05 -9.94 -15.64
N ILE A 172 -6.03 -10.25 -14.81
CA ILE A 172 -6.55 -11.62 -14.79
C ILE A 172 -8.07 -11.57 -14.85
N THR A 173 -8.68 -12.40 -15.71
CA THR A 173 -10.15 -12.41 -15.86
C THR A 173 -10.66 -13.67 -15.16
N ILE A 174 -11.64 -13.54 -14.26
CA ILE A 174 -12.06 -14.71 -13.47
C ILE A 174 -13.56 -14.78 -13.42
N PRO A 175 -14.10 -15.95 -13.10
CA PRO A 175 -15.57 -16.04 -12.99
C PRO A 175 -16.05 -15.39 -11.69
N ARG A 176 -17.36 -15.30 -11.56
CA ARG A 176 -17.90 -14.73 -10.34
C ARG A 176 -17.53 -15.62 -9.15
N ALA A 177 -17.08 -14.97 -8.12
CA ALA A 177 -16.78 -15.70 -6.92
C ALA A 177 -16.31 -14.64 -5.94
N PHE A 178 -16.51 -14.87 -4.66
CA PHE A 178 -16.02 -13.84 -3.76
C PHE A 178 -14.57 -14.16 -3.37
N VAL A 179 -13.64 -13.27 -3.70
CA VAL A 179 -12.27 -13.56 -3.31
C VAL A 179 -11.74 -12.72 -2.14
N ILE A 180 -10.69 -13.25 -1.48
CA ILE A 180 -10.01 -12.61 -0.36
C ILE A 180 -8.50 -12.76 -0.64
N GLY A 181 -7.68 -12.02 0.11
CA GLY A 181 -6.22 -12.14 -0.01
C GLY A 181 -5.60 -11.08 -0.88
N TYR A 182 -4.28 -10.85 -0.79
CA TYR A 182 -3.63 -9.90 -1.72
C TYR A 182 -4.33 -8.48 -1.70
N GLY A 183 -4.63 -8.04 -0.46
CA GLY A 183 -5.28 -6.75 -0.24
C GLY A 183 -6.78 -6.82 -0.15
N MET A 184 -7.43 -7.92 -0.54
CA MET A 184 -8.92 -7.94 -0.59
C MET A 184 -9.44 -8.63 0.65
N ASP A 185 -10.55 -8.18 1.20
CA ASP A 185 -10.93 -8.58 2.55
C ASP A 185 -12.24 -9.36 2.58
N PHE A 186 -12.49 -10.02 3.71
CA PHE A 186 -13.87 -10.36 4.05
C PHE A 186 -14.09 -9.72 5.41
N ALA A 187 -15.06 -8.82 5.51
CA ALA A 187 -15.30 -8.06 6.78
C ALA A 187 -13.98 -7.46 7.41
N GLU A 188 -13.10 -6.92 6.56
CA GLU A 188 -11.85 -6.24 6.92
C GLU A 188 -10.68 -7.21 7.16
N SER A 189 -10.98 -8.52 7.25
CA SER A 189 -9.94 -9.54 7.50
C SER A 189 -9.39 -10.09 6.20
N TYR A 190 -8.21 -10.75 6.27
CA TYR A 190 -7.64 -11.53 5.16
C TYR A 190 -6.95 -10.75 4.09
N ARG A 191 -6.88 -9.43 4.20
CA ARG A 191 -6.11 -8.63 3.22
C ARG A 191 -4.64 -9.01 3.16
N GLU A 192 -4.12 -9.46 4.30
CA GLU A 192 -2.67 -9.82 4.38
C GLU A 192 -2.22 -11.14 3.71
N LEU A 193 -3.18 -11.95 3.33
CA LEU A 193 -2.75 -13.23 2.74
C LEU A 193 -2.02 -13.00 1.43
N ARG A 194 -1.02 -13.84 1.17
CA ARG A 194 -0.18 -13.69 -0.01
C ARG A 194 -0.84 -14.17 -1.28
N ASP A 195 -1.74 -15.14 -1.15
CA ASP A 195 -2.39 -15.71 -2.33
C ASP A 195 -3.84 -15.19 -2.43
N ILE A 196 -4.39 -15.27 -3.61
CA ILE A 196 -5.76 -14.90 -3.76
C ILE A 196 -6.59 -16.18 -3.62
N CYS A 197 -7.56 -16.15 -2.70
CA CYS A 197 -8.35 -17.34 -2.41
C CYS A 197 -9.84 -17.12 -2.60
N VAL A 198 -10.58 -18.19 -2.87
CA VAL A 198 -12.04 -18.10 -2.87
C VAL A 198 -12.53 -18.46 -1.49
N LEU A 199 -13.31 -17.57 -0.87
CA LEU A 199 -13.69 -17.66 0.55
C LEU A 199 -14.62 -18.88 0.79
N LYS A 200 -14.29 -19.69 1.83
CA LYS A 200 -15.14 -20.85 2.21
C LYS A 200 -16.62 -20.43 2.43
N LYS A 201 -17.54 -21.08 1.69
CA LYS A 201 -19.00 -20.85 1.72
C LYS A 201 -19.76 -20.21 2.93
N GLU A 202 -19.11 -20.09 4.10
CA GLU A 202 -19.72 -19.47 5.29
C GLU A 202 -19.05 -18.14 5.67
N TYR B 20 16.84 4.60 -11.04
CA TYR B 20 17.46 4.88 -9.71
C TYR B 20 18.40 6.07 -10.01
N PRO B 21 17.90 7.31 -9.79
CA PRO B 21 18.49 8.55 -10.34
C PRO B 21 19.99 8.73 -10.07
N MET B 22 20.66 9.54 -10.90
CA MET B 22 22.12 9.62 -10.99
C MET B 22 22.81 10.05 -9.71
N SER B 23 22.06 10.75 -8.85
CA SER B 23 22.59 11.31 -7.60
C SER B 23 22.38 10.42 -6.38
N ALA B 24 21.90 9.19 -6.60
CA ALA B 24 21.62 8.21 -5.52
C ALA B 24 22.61 7.02 -5.44
N ARG B 25 22.82 6.56 -4.21
CA ARG B 25 23.57 5.36 -3.87
C ARG B 25 22.76 4.39 -2.99
N THR B 26 22.89 3.09 -3.23
CA THR B 26 22.16 2.07 -2.49
C THR B 26 22.54 2.08 -1.04
N LEU B 27 21.52 2.06 -0.19
CA LEU B 27 21.70 1.96 1.26
C LEU B 27 21.47 0.52 1.66
N VAL B 28 20.31 0.00 1.27
CA VAL B 28 19.82 -1.32 1.68
C VAL B 28 19.04 -1.87 0.46
N THR B 29 19.26 -3.13 0.09
CA THR B 29 18.59 -3.65 -1.10
C THR B 29 17.21 -4.15 -0.71
N GLN B 30 16.31 -4.28 -1.67
CA GLN B 30 15.05 -4.93 -1.43
C GLN B 30 15.19 -6.23 -0.60
N GLU B 31 16.12 -7.11 -1.01
CA GLU B 31 16.33 -8.42 -0.35
C GLU B 31 16.64 -8.26 1.15
N GLN B 32 17.45 -7.24 1.46
CA GLN B 32 17.89 -7.00 2.83
C GLN B 32 16.73 -6.37 3.63
N VAL B 33 15.96 -5.47 2.99
CA VAL B 33 14.79 -4.94 3.72
C VAL B 33 13.89 -6.13 4.08
N TRP B 34 13.65 -6.99 3.10
CA TRP B 34 12.78 -8.18 3.31
C TRP B 34 13.27 -9.10 4.43
N ALA B 35 14.55 -9.48 4.40
CA ALA B 35 15.10 -10.20 5.55
C ALA B 35 14.95 -9.47 6.89
N ALA B 36 15.24 -8.18 6.98
CA ALA B 36 15.05 -7.50 8.32
C ALA B 36 13.55 -7.43 8.76
N THR B 37 12.65 -7.31 7.77
CA THR B 37 11.22 -7.18 8.10
C THR B 37 10.65 -8.54 8.51
N ALA B 38 11.03 -9.62 7.81
CA ALA B 38 10.64 -10.97 8.21
C ALA B 38 11.03 -11.22 9.69
N LYS B 39 12.23 -10.81 10.06
CA LYS B 39 12.72 -11.02 11.42
C LYS B 39 11.93 -10.18 12.46
N CYS B 40 11.66 -8.94 12.11
CA CYS B 40 10.78 -8.10 12.92
C CYS B 40 9.35 -8.74 13.02
N ALA B 41 8.84 -9.32 11.94
CA ALA B 41 7.50 -9.86 12.01
C ALA B 41 7.44 -11.03 12.97
N LYS B 42 8.52 -11.82 12.96
CA LYS B 42 8.67 -12.90 13.92
C LYS B 42 8.66 -12.37 15.40
N LYS B 43 9.40 -11.32 15.64
CA LYS B 43 9.43 -10.70 17.02
C LYS B 43 8.07 -10.16 17.41
N ILE B 44 7.41 -9.49 16.45
CA ILE B 44 6.05 -9.04 16.70
C ILE B 44 5.16 -10.23 17.05
N ALA B 45 5.18 -11.30 16.24
CA ALA B 45 4.34 -12.45 16.58
C ALA B 45 4.60 -12.99 18.01
N ALA B 46 5.86 -13.06 18.45
CA ALA B 46 6.14 -13.53 19.80
C ALA B 46 5.66 -12.56 20.83
N ASP B 47 5.85 -11.26 20.56
CA ASP B 47 5.39 -10.22 21.51
C ASP B 47 3.89 -10.22 21.73
N TYR B 48 3.12 -10.59 20.72
CA TYR B 48 1.68 -10.51 20.86
C TYR B 48 1.04 -11.86 21.17
N LYS B 49 1.87 -12.90 21.33
CA LYS B 49 1.38 -14.26 21.53
C LYS B 49 0.37 -14.34 22.71
N ASP B 50 0.69 -13.69 23.83
CA ASP B 50 -0.18 -13.79 25.01
C ASP B 50 -1.48 -12.96 24.90
N PHE B 51 -1.61 -12.20 23.80
CA PHE B 51 -2.87 -11.48 23.51
C PHE B 51 -3.83 -12.32 22.67
N HIS B 52 -3.40 -13.51 22.24
CA HIS B 52 -4.29 -14.45 21.57
C HIS B 52 -5.14 -13.75 20.48
N LEU B 53 -4.45 -13.06 19.56
CA LEU B 53 -5.10 -12.34 18.48
C LEU B 53 -5.92 -13.25 17.60
N THR B 54 -7.07 -12.77 17.09
CA THR B 54 -7.88 -13.59 16.18
C THR B 54 -8.32 -12.63 15.10
N ALA B 55 -9.06 -13.13 14.12
CA ALA B 55 -9.63 -12.27 13.06
C ALA B 55 -10.50 -11.17 13.62
N ASP B 56 -11.27 -11.50 14.64
CA ASP B 56 -12.17 -10.55 15.30
C ASP B 56 -11.48 -9.55 16.28
N ASN B 57 -10.29 -9.93 16.71
CA ASN B 57 -9.47 -9.14 17.61
C ASN B 57 -8.03 -9.21 17.13
N PRO B 58 -7.77 -8.53 16.03
CA PRO B 58 -6.51 -8.67 15.33
C PRO B 58 -5.51 -7.58 15.63
N LEU B 59 -4.34 -7.68 15.02
CA LEU B 59 -3.44 -6.54 15.00
C LEU B 59 -3.86 -5.57 13.90
N TYR B 60 -4.21 -4.34 14.31
CA TYR B 60 -4.51 -3.26 13.36
C TYR B 60 -3.21 -2.53 12.93
N LEU B 61 -2.91 -2.56 11.65
CA LEU B 61 -1.82 -1.79 11.09
C LEU B 61 -2.35 -0.47 10.57
N LEU B 62 -1.86 0.62 11.15
CA LEU B 62 -2.24 1.97 10.74
C LEU B 62 -1.11 2.49 9.83
N CYS B 63 -1.32 2.29 8.54
CA CYS B 63 -0.40 2.74 7.52
C CYS B 63 -0.38 4.26 7.41
N VAL B 64 0.76 4.87 7.74
CA VAL B 64 0.87 6.33 7.57
C VAL B 64 1.29 6.69 6.12
N LEU B 65 0.34 7.19 5.34
CA LEU B 65 0.53 7.53 3.93
C LEU B 65 1.30 8.80 3.79
N LYS B 66 2.04 8.99 2.70
CA LYS B 66 2.15 8.04 1.61
C LYS B 66 3.31 7.11 1.83
N GLY B 67 4.34 7.58 2.49
CA GLY B 67 5.64 6.93 2.48
C GLY B 67 5.67 5.50 3.02
N SER B 68 4.69 5.09 3.82
CA SER B 68 4.86 3.74 4.36
C SER B 68 4.09 2.70 3.60
N PHE B 69 3.43 3.07 2.47
CA PHE B 69 2.53 2.12 1.80
C PHE B 69 3.21 0.80 1.31
N ILE B 70 4.46 0.88 0.85
CA ILE B 70 5.07 -0.35 0.37
C ILE B 70 5.54 -1.22 1.54
N PHE B 71 6.15 -0.55 2.52
CA PHE B 71 6.58 -1.22 3.76
C PHE B 71 5.33 -1.90 4.39
N THR B 72 4.18 -1.22 4.42
CA THR B 72 3.01 -1.85 4.98
C THR B 72 2.55 -3.08 4.16
N ALA B 73 2.53 -2.98 2.83
CA ALA B 73 2.10 -4.10 1.99
C ALA B 73 3.02 -5.30 2.26
N ASP B 74 4.32 -5.03 2.48
CA ASP B 74 5.26 -6.14 2.61
C ASP B 74 5.19 -6.72 4.03
N LEU B 75 5.20 -5.84 5.01
CA LEU B 75 5.16 -6.25 6.43
C LEU B 75 3.85 -7.04 6.70
N ALA B 76 2.71 -6.59 6.12
CA ALA B 76 1.45 -7.32 6.28
C ALA B 76 1.62 -8.79 5.88
N ARG B 77 2.35 -9.03 4.80
CA ARG B 77 2.52 -10.39 4.27
C ARG B 77 3.50 -11.18 5.10
N PHE B 78 4.50 -10.53 5.70
CA PHE B 78 5.41 -11.24 6.62
C PHE B 78 4.64 -11.58 7.90
N LEU B 79 3.74 -10.67 8.33
CA LEU B 79 2.89 -11.00 9.48
C LEU B 79 1.98 -12.23 9.20
N ALA B 80 1.35 -12.27 8.01
CA ALA B 80 0.62 -13.46 7.58
C ALA B 80 1.50 -14.76 7.65
N ASP B 81 2.74 -14.68 7.20
CA ASP B 81 3.69 -15.84 7.28
C ASP B 81 3.76 -16.29 8.75
N GLU B 82 3.65 -15.34 9.66
CA GLU B 82 3.79 -15.70 11.08
C GLU B 82 2.42 -16.09 11.74
N GLY B 83 1.36 -16.13 10.97
CA GLY B 83 0.02 -16.36 11.53
C GLY B 83 -0.56 -15.23 12.38
N VAL B 84 -0.03 -14.02 12.24
CA VAL B 84 -0.60 -12.88 12.98
C VAL B 84 -1.79 -12.33 12.14
N PRO B 85 -3.02 -12.43 12.64
CA PRO B 85 -4.17 -11.88 11.91
C PRO B 85 -4.12 -10.34 11.93
N VAL B 86 -4.36 -9.71 10.78
CA VAL B 86 -4.32 -8.23 10.76
C VAL B 86 -5.52 -7.58 10.12
N LYS B 87 -5.71 -6.31 10.43
CA LYS B 87 -6.64 -5.50 9.69
C LYS B 87 -5.84 -4.26 9.35
N VAL B 88 -6.24 -3.55 8.31
CA VAL B 88 -5.49 -2.38 7.84
C VAL B 88 -6.31 -1.10 7.76
N GLU B 89 -5.71 0.00 8.18
CA GLU B 89 -6.34 1.34 8.14
C GLU B 89 -5.28 2.29 7.55
N PHE B 90 -5.73 3.39 7.02
CA PHE B 90 -4.82 4.31 6.40
C PHE B 90 -4.99 5.71 7.01
N ILE B 91 -3.86 6.34 7.29
CA ILE B 91 -3.83 7.64 7.93
C ILE B 91 -3.20 8.51 6.93
N CYS B 92 -3.80 9.69 6.80
CA CYS B 92 -3.25 10.78 6.01
C CYS B 92 -3.36 12.03 6.87
N ALA B 93 -2.23 12.47 7.44
CA ALA B 93 -2.18 13.56 8.44
C ALA B 93 -1.56 14.86 7.90
N VAL B 106 -9.08 16.69 8.47
CA VAL B 106 -9.86 16.30 9.63
C VAL B 106 -10.46 14.87 9.51
N ARG B 107 -11.40 14.69 8.57
CA ARG B 107 -12.37 13.58 8.57
C ARG B 107 -11.84 12.12 8.50
N MET B 108 -10.83 11.84 7.67
CA MET B 108 -10.22 10.49 7.55
C MET B 108 -9.38 10.10 8.79
N LEU B 109 -8.70 11.09 9.39
CA LEU B 109 -8.00 10.88 10.66
C LEU B 109 -9.04 10.57 11.77
N LEU B 110 -10.03 11.46 11.94
CA LEU B 110 -11.14 11.30 12.90
C LEU B 110 -11.79 9.92 12.82
N ASP B 111 -12.26 9.53 11.64
CA ASP B 111 -12.79 8.18 11.39
C ASP B 111 -11.95 7.07 11.97
N VAL B 112 -10.68 7.01 11.60
CA VAL B 112 -9.80 5.95 12.08
C VAL B 112 -9.71 5.99 13.61
N ARG B 113 -9.44 7.18 14.17
CA ARG B 113 -9.38 7.39 15.62
C ARG B 113 -10.65 6.89 16.34
N ASP B 114 -11.80 7.07 15.70
CA ASP B 114 -13.08 6.78 16.35
C ASP B 114 -13.39 5.27 16.43
N SER B 115 -12.50 4.44 15.96
CA SER B 115 -12.88 3.03 15.92
C SER B 115 -11.80 2.15 16.60
N VAL B 116 -10.79 2.79 17.18
CA VAL B 116 -9.62 2.07 17.70
C VAL B 116 -9.80 1.73 19.21
N GLU B 117 -10.93 2.15 19.83
CA GLU B 117 -11.10 1.95 21.31
C GLU B 117 -10.93 0.47 21.62
N ASN B 118 -10.06 0.14 22.58
CA ASN B 118 -9.89 -1.27 22.97
C ASN B 118 -9.52 -2.24 21.82
N ARG B 119 -8.88 -1.71 20.77
CA ARG B 119 -8.21 -2.51 19.73
C ARG B 119 -6.71 -2.46 19.93
N HIS B 120 -6.03 -3.49 19.43
CA HIS B 120 -4.56 -3.49 19.41
C HIS B 120 -4.08 -2.79 18.13
N ILE B 121 -3.45 -1.63 18.27
CA ILE B 121 -3.07 -0.87 17.08
C ILE B 121 -1.55 -0.75 16.94
N MET B 122 -1.09 -0.79 15.71
CA MET B 122 0.33 -0.56 15.45
C MET B 122 0.48 0.52 14.38
N LEU B 123 1.11 1.65 14.72
CA LEU B 123 1.41 2.67 13.72
C LEU B 123 2.56 2.22 12.88
N VAL B 124 2.44 2.34 11.56
CA VAL B 124 3.49 1.89 10.66
C VAL B 124 4.03 3.12 9.95
N GLU B 125 5.31 3.43 10.17
CA GLU B 125 5.91 4.62 9.56
C GLU B 125 7.12 4.33 8.73
N ASP B 126 7.37 5.11 7.68
CA ASP B 126 8.58 4.89 6.92
C ASP B 126 9.86 5.29 7.69
N ILE B 127 9.83 6.49 8.22
CA ILE B 127 11.00 7.13 8.84
C ILE B 127 10.56 8.01 9.98
N VAL B 128 11.25 7.88 11.10
CA VAL B 128 11.04 8.74 12.25
C VAL B 128 12.36 9.47 12.52
N ASP B 129 12.24 10.82 12.51
CA ASP B 129 13.40 11.70 12.55
C ASP B 129 13.30 12.56 13.82
N SER B 130 12.67 13.74 13.70
CA SER B 130 12.46 14.54 14.91
C SER B 130 11.41 13.89 15.81
N ALA B 131 10.59 13.01 15.21
CA ALA B 131 9.43 12.38 15.86
C ALA B 131 8.28 13.34 16.17
N ILE B 132 8.31 14.55 15.64
CA ILE B 132 7.13 15.43 15.76
C ILE B 132 5.86 14.76 15.16
N THR B 133 6.03 14.21 13.97
CA THR B 133 4.92 13.53 13.27
C THR B 133 4.38 12.35 14.06
N LEU B 134 5.27 11.42 14.42
CA LEU B 134 4.91 10.20 15.12
C LEU B 134 4.25 10.60 16.47
N GLN B 135 4.86 11.52 17.21
CA GLN B 135 4.23 11.98 18.44
C GLN B 135 2.83 12.52 18.23
N TYR B 136 2.66 13.35 17.22
CA TYR B 136 1.36 13.89 16.92
C TYR B 136 0.33 12.73 16.69
N LEU B 137 0.75 11.72 15.94
CA LEU B 137 -0.17 10.62 15.54
C LEU B 137 -0.46 9.69 16.75
N MET B 138 0.54 9.48 17.60
CA MET B 138 0.41 8.66 18.79
C MET B 138 -0.59 9.30 19.76
N ARG B 139 -0.41 10.59 20.02
CA ARG B 139 -1.29 11.26 20.97
C ARG B 139 -2.70 11.24 20.45
N PHE B 140 -2.85 11.51 19.16
CA PHE B 140 -4.15 11.54 18.55
C PHE B 140 -4.85 10.16 18.71
N MET B 141 -4.18 9.06 18.44
CA MET B 141 -4.75 7.72 18.61
C MET B 141 -4.95 7.38 20.08
N LEU B 142 -4.01 7.74 20.97
CA LEU B 142 -4.15 7.40 22.40
C LEU B 142 -5.41 8.02 23.01
N ALA B 143 -5.88 9.12 22.44
CA ALA B 143 -7.04 9.86 23.00
C ALA B 143 -8.31 9.00 22.85
N LYS B 144 -8.28 8.15 21.84
CA LYS B 144 -9.32 7.16 21.53
C LYS B 144 -9.24 5.84 22.41
N LYS B 145 -8.22 5.74 23.27
CA LYS B 145 -8.09 4.61 24.19
C LYS B 145 -8.05 3.18 23.54
N PRO B 146 -7.05 2.92 22.71
CA PRO B 146 -6.88 1.57 22.17
C PRO B 146 -6.49 0.59 23.31
N ALA B 147 -6.66 -0.74 23.11
CA ALA B 147 -6.20 -1.73 24.10
C ALA B 147 -4.67 -1.59 24.21
N SER B 148 -3.99 -1.36 23.09
CA SER B 148 -2.56 -1.18 23.13
C SER B 148 -2.16 -0.42 21.85
N LEU B 149 -0.99 0.20 21.91
CA LEU B 149 -0.44 0.93 20.78
C LEU B 149 1.05 0.69 20.75
N LYS B 150 1.51 0.23 19.59
CA LYS B 150 2.93 0.10 19.37
C LYS B 150 3.29 0.79 18.05
N THR B 151 4.60 0.98 17.78
CA THR B 151 5.00 1.64 16.53
C THR B 151 6.06 0.77 15.89
N VAL B 152 5.95 0.59 14.56
CA VAL B 152 7.02 -0.07 13.86
C VAL B 152 7.47 0.94 12.81
N VAL B 153 8.80 1.04 12.61
CA VAL B 153 9.38 2.12 11.83
C VAL B 153 10.44 1.48 10.93
N LEU B 154 10.38 1.70 9.62
CA LEU B 154 11.37 1.09 8.74
C LEU B 154 12.82 1.68 8.99
N LEU B 155 12.89 3.02 8.96
CA LEU B 155 14.18 3.69 9.18
C LEU B 155 14.11 4.69 10.31
N ASP B 156 14.78 4.39 11.41
CA ASP B 156 14.78 5.28 12.58
C ASP B 156 16.00 6.18 12.44
N LYS B 157 15.82 7.49 12.65
CA LYS B 157 16.93 8.46 12.65
C LYS B 157 16.98 9.09 14.02
N PRO B 158 17.36 8.32 15.03
CA PRO B 158 17.26 8.81 16.40
C PRO B 158 18.09 10.09 16.63
N SER B 159 19.12 10.35 15.83
CA SER B 159 19.90 11.57 16.07
C SER B 159 19.10 12.87 15.73
N GLY B 160 18.00 12.75 15.01
CA GLY B 160 17.15 13.90 14.70
C GLY B 160 16.15 14.33 15.75
N ARG B 161 16.00 13.54 16.82
CA ARG B 161 14.92 13.70 17.79
C ARG B 161 14.76 15.10 18.32
N LYS B 162 13.51 15.61 18.28
CA LYS B 162 13.15 16.87 18.97
C LYS B 162 12.24 16.60 20.19
N VAL B 163 11.55 15.45 20.18
CA VAL B 163 10.66 15.02 21.27
C VAL B 163 10.95 13.56 21.60
N ASP B 164 10.51 13.13 22.77
CA ASP B 164 10.77 11.79 23.29
C ASP B 164 9.59 10.84 23.00
N VAL B 165 9.77 9.86 22.12
CA VAL B 165 8.76 8.85 21.89
C VAL B 165 9.34 7.42 21.89
N LEU B 166 8.51 6.48 22.33
CA LEU B 166 8.87 5.07 22.21
C LEU B 166 8.65 4.48 20.79
N VAL B 167 9.76 4.10 20.16
CA VAL B 167 9.68 3.40 18.84
C VAL B 167 9.90 1.93 19.12
N ASP B 168 8.84 1.15 19.04
CA ASP B 168 8.93 -0.21 19.55
C ASP B 168 9.74 -1.14 18.67
N TYR B 169 9.60 -0.97 17.36
CA TYR B 169 10.21 -1.86 16.35
C TYR B 169 10.91 -1.03 15.30
N PRO B 170 12.12 -0.57 15.63
CA PRO B 170 12.94 0.12 14.62
C PRO B 170 13.70 -0.90 13.75
N VAL B 171 13.29 -1.06 12.50
CA VAL B 171 13.82 -2.12 11.70
C VAL B 171 15.25 -1.84 11.30
N ILE B 172 15.54 -0.60 10.93
CA ILE B 172 16.89 -0.24 10.54
C ILE B 172 17.15 1.09 11.22
N THR B 173 18.37 1.29 11.72
CA THR B 173 18.75 2.59 12.28
C THR B 173 19.82 3.29 11.41
N ILE B 174 19.68 4.61 11.14
CA ILE B 174 20.59 5.30 10.18
C ILE B 174 20.91 6.73 10.70
N PRO B 175 21.98 7.38 10.22
CA PRO B 175 22.16 8.82 10.43
C PRO B 175 21.09 9.54 9.58
N ARG B 176 21.09 10.85 9.68
CA ARG B 176 20.05 11.63 8.98
C ARG B 176 20.38 11.83 7.48
N ALA B 177 20.46 10.81 6.70
CA ALA B 177 20.62 11.05 5.27
C ALA B 177 19.26 11.32 4.60
N PHE B 178 19.26 11.90 3.39
CA PHE B 178 18.02 11.94 2.67
C PHE B 178 17.76 10.63 1.86
N VAL B 179 16.68 9.93 2.18
CA VAL B 179 16.47 8.65 1.50
C VAL B 179 15.29 8.63 0.53
N ILE B 180 15.41 7.81 -0.53
CA ILE B 180 14.35 7.63 -1.51
C ILE B 180 14.22 6.15 -1.76
N GLY B 181 13.11 5.75 -2.38
CA GLY B 181 12.86 4.37 -2.78
C GLY B 181 12.00 3.61 -1.77
N TYR B 182 11.50 2.45 -2.20
CA TYR B 182 10.72 1.59 -1.29
C TYR B 182 9.57 2.41 -0.62
N GLY B 183 8.82 3.16 -1.43
CA GLY B 183 7.65 3.94 -0.99
C GLY B 183 8.02 5.39 -0.59
N MET B 184 9.32 5.68 -0.35
CA MET B 184 9.78 7.03 -0.02
C MET B 184 10.23 7.88 -1.21
N ASP B 185 9.96 9.19 -1.14
CA ASP B 185 10.10 10.05 -2.35
C ASP B 185 11.14 11.19 -2.25
N PHE B 186 11.45 11.79 -3.40
CA PHE B 186 11.92 13.17 -3.44
C PHE B 186 10.96 13.93 -4.37
N ALA B 187 10.27 14.94 -3.81
CA ALA B 187 9.35 15.72 -4.64
C ALA B 187 8.34 14.74 -5.32
N GLU B 188 7.88 13.77 -4.53
CA GLU B 188 6.94 12.75 -4.99
C GLU B 188 7.47 11.70 -5.98
N SER B 189 8.73 11.81 -6.41
CA SER B 189 9.29 10.83 -7.36
C SER B 189 9.98 9.74 -6.60
N TYR B 190 10.27 8.64 -7.31
CA TYR B 190 11.09 7.53 -6.81
C TYR B 190 10.49 6.65 -5.75
N ARG B 191 9.22 6.75 -5.41
CA ARG B 191 8.60 5.81 -4.43
C ARG B 191 8.62 4.39 -4.98
N GLU B 192 8.71 4.28 -6.32
CA GLU B 192 8.61 2.97 -7.00
C GLU B 192 9.91 2.14 -6.97
N LEU B 193 11.03 2.77 -6.63
CA LEU B 193 12.27 2.00 -6.63
C LEU B 193 12.26 0.85 -5.63
N ARG B 194 12.88 -0.26 -6.02
CA ARG B 194 12.89 -1.45 -5.15
C ARG B 194 13.80 -1.36 -3.93
N ASP B 195 14.90 -0.65 -4.10
CA ASP B 195 15.91 -0.52 -3.06
C ASP B 195 15.80 0.87 -2.35
N ILE B 196 16.37 1.00 -1.17
CA ILE B 196 16.42 2.26 -0.41
C ILE B 196 17.77 2.87 -0.76
N CYS B 197 17.71 4.04 -1.36
CA CYS B 197 18.92 4.75 -1.73
C CYS B 197 19.02 6.04 -0.92
N VAL B 198 20.23 6.60 -0.80
CA VAL B 198 20.42 7.94 -0.26
C VAL B 198 20.79 8.90 -1.37
N LEU B 199 20.29 10.15 -1.26
CA LEU B 199 20.74 11.23 -2.14
C LEU B 199 21.84 11.99 -1.46
N LYS B 200 22.94 12.24 -2.16
CA LYS B 200 24.09 12.97 -1.55
C LYS B 200 23.89 14.49 -1.66
N LYS B 201 24.50 15.21 -0.69
CA LYS B 201 24.35 16.67 -0.42
C LYS B 201 23.74 17.58 -1.51
P 5GP C . -18.36 -3.09 -8.06
P 5GP C . -18.12 -3.16 -8.17
O1P 5GP C . -17.56 -3.40 -9.28
O1P 5GP C . -19.37 -3.97 -8.05
O2P 5GP C . -19.69 -3.78 -8.07
O2P 5GP C . -17.50 -3.35 -9.49
O3P 5GP C . -18.62 -1.64 -8.11
O3P 5GP C . -18.48 -1.73 -8.07
O5' 5GP C . -17.51 -3.48 -6.77
O5' 5GP C . -17.03 -3.55 -7.05
C5' 5GP C . -17.93 -3.19 -5.42
C5' 5GP C . -16.77 -2.63 -6.01
C4' 5GP C . -16.79 -3.31 -4.39
C4' 5GP C . -16.00 -3.23 -4.83
O4' 5GP C . -16.53 -4.66 -3.96
O4' 5GP C . -16.46 -4.52 -4.53
C3' 5GP C . -15.43 -2.78 -4.84
C3' 5GP C . -14.48 -3.34 -4.96
O3' 5GP C . -14.75 -2.09 -3.79
O3' 5GP C . -13.76 -2.19 -4.54
C2' 5GP C . -14.70 -4.07 -5.21
C2' 5GP C . -14.20 -4.35 -3.88
O2' 5GP C . -13.31 -3.85 -5.20
O2' 5GP C . -14.11 -3.64 -2.65
C1' 5GP C . -15.21 -5.09 -4.19
C1' 5GP C . -15.43 -5.26 -3.90
N9 5GP C . -15.26 -6.48 -4.73
C8 5GP C . -16.07 -7.03 -5.73
N7 5GP C . -15.84 -8.42 -5.81
C5 5GP C . -15.10 -8.70 -4.68
C6 5GP C . -14.55 -9.91 -4.21
O6 5GP C . -14.67 -10.98 -4.86
N1 5GP C . -13.83 -9.90 -3.02
C2 5GP C . -13.67 -8.71 -2.30
N2 5GP C . -13.02 -8.67 -1.15
N3 5GP C . -14.19 -7.54 -2.78
C4 5GP C . -14.91 -7.56 -3.96
P 5GP D . 9.65 13.81 11.63
O1P 5GP D . 9.86 12.53 12.38
O2P 5GP D . 8.39 14.47 12.15
O3P 5GP D . 10.84 14.73 11.69
O5' 5GP D . 9.44 13.44 10.11
C5' 5GP D . 9.10 12.17 9.61
C4' 5GP D . 8.60 12.34 8.17
O4' 5GP D . 9.44 13.21 7.44
C3' 5GP D . 8.70 10.99 7.43
O3' 5GP D . 7.52 10.24 7.64
C2' 5GP D . 8.90 11.36 6.00
O2' 5GP D . 7.63 11.60 5.34
C1' 5GP D . 9.68 12.64 6.09
N9 5GP D . 11.08 12.20 6.05
C8 5GP D . 12.08 12.32 6.99
N7 5GP D . 13.30 11.98 6.40
C5 5GP D . 12.99 11.63 5.12
C6 5GP D . 13.79 11.09 4.10
O6 5GP D . 15.02 10.88 4.23
N1 5GP D . 13.20 10.82 2.87
C2 5GP D . 11.87 11.03 2.69
N2 5GP D . 11.33 10.78 1.49
N3 5GP D . 11.10 11.52 3.69
C4 5GP D . 11.69 11.82 4.91
#